data_8GQ1
#
_entry.id   8GQ1
#
_cell.length_a   147.900
_cell.length_b   147.900
_cell.length_c   137.700
_cell.angle_alpha   90.000
_cell.angle_beta   90.000
_cell.angle_gamma   120.000
#
_symmetry.space_group_name_H-M   'P 63 2 2'
#
loop_
_entity.id
_entity.type
_entity.pdbx_description
1 polymer 'Lysozyme C'
2 polymer 'Light Chain of HyHel10 Antibody Fragment (Fab)'
3 polymer 'Heavy Chain of HyHel10 Antibody Fragment (Fab)'
4 non-polymer 'PENTAETHYLENE GLYCOL'
#
loop_
_entity_poly.entity_id
_entity_poly.type
_entity_poly.pdbx_seq_one_letter_code
_entity_poly.pdbx_strand_id
1 'polypeptide(L)'
;KVFGRCELAAAMKRHGLDNYRGYSLGNWVCAAKFESNFNTQATNRNTDGSTDYGILQINSRWWCNDGRTPGSRNLCNIPC
SALLSSDITASVNCAKKIVSDGNGMNAWVAWRNRCKGTDVQAWIRGCRL
;
C
2 'polypeptide(L)'
;DIVLTQSPATLSVTPGNSVSLSCRASQSIGNNLHWYQQKSHESPRLLIKYASQSISGIPSRFRGRGRGTRFRLSINSVET
EDFGMYFCQQSNSWPYTFGGGTKLEIKRADAAPTVSIFPPSSEQLTSGGASVVCFLNNFYPKDINVKWKIDGSERQNGVL
NSWTDQDSKDSTYSMSSTLTLTKDEYERHNSYTCEATHKTSTSPIVKSFNRNEC
;
L
3 'polypeptide(L)'
;DVQLQESGPSLVKPSQTLSLTCSVTGDSITSDYWSWIRKFPGNRLEYMGYVSYSGSTYYNPSLKSRISITRDTSKNQYYL
DLNSVTTEDTATYYCANWDGDYWGQGTLVTVSAAKTTPPSVYPLAPGSAAQTNSMVTLGCLVKGYFPEPVTVTWNSGSLS
SGVHTFPAVLQSDLYTLSSSVTVPSSTWPSETVTCNVAHPASSTKVDKKIVPRDCGSKPSICGGSHHHHHH
;
H
#
loop_
_chem_comp.id
_chem_comp.type
_chem_comp.name
_chem_comp.formula
1PE non-polymer 'PENTAETHYLENE GLYCOL' 'C10 H22 O6'
#
# COMPACT_ATOMS: atom_id res chain seq x y z
N LYS A 1 -25.55 -8.09 -29.82
CA LYS A 1 -24.82 -7.53 -30.95
C LYS A 1 -23.87 -8.55 -31.57
N VAL A 2 -23.81 -8.56 -32.90
CA VAL A 2 -22.87 -9.41 -33.64
C VAL A 2 -21.77 -8.52 -34.21
N PHE A 3 -20.53 -8.95 -34.06
CA PHE A 3 -19.38 -8.14 -34.43
C PHE A 3 -18.86 -8.57 -35.80
N GLY A 4 -18.10 -7.67 -36.43
CA GLY A 4 -17.37 -8.02 -37.63
C GLY A 4 -15.93 -8.34 -37.29
N ARG A 5 -15.25 -9.01 -38.21
CA ARG A 5 -13.84 -9.32 -37.99
C ARG A 5 -13.05 -8.06 -37.67
N CYS A 6 -13.07 -7.09 -38.58
CA CYS A 6 -12.31 -5.88 -38.36
C CYS A 6 -12.84 -5.08 -37.16
N GLU A 7 -14.15 -5.11 -36.94
CA GLU A 7 -14.73 -4.38 -35.82
C GLU A 7 -14.26 -4.96 -34.49
N LEU A 8 -14.45 -6.27 -34.30
CA LEU A 8 -13.96 -6.92 -33.10
C LEU A 8 -12.47 -6.70 -32.91
N ALA A 9 -11.68 -6.95 -33.97
CA ALA A 9 -10.24 -6.72 -33.92
C ALA A 9 -9.90 -5.34 -33.37
N ALA A 10 -10.48 -4.29 -33.97
CA ALA A 10 -10.23 -2.93 -33.50
C ALA A 10 -10.61 -2.76 -32.03
N ALA A 11 -11.77 -3.31 -31.64
CA ALA A 11 -12.22 -3.11 -30.26
C ALA A 11 -11.29 -3.82 -29.28
N MET A 12 -10.81 -5.00 -29.66
CA MET A 12 -9.93 -5.79 -28.83
C MET A 12 -8.54 -5.19 -28.76
N LYS A 13 -8.16 -4.39 -29.76
CA LYS A 13 -6.89 -3.68 -29.69
C LYS A 13 -7.03 -2.42 -28.86
N ARG A 14 -8.24 -1.84 -28.84
CA ARG A 14 -8.50 -0.70 -27.97
C ARG A 14 -8.62 -1.16 -26.53
N HIS A 15 -9.01 -2.43 -26.30
CA HIS A 15 -9.06 -3.01 -24.97
C HIS A 15 -7.74 -3.68 -24.59
N GLY A 16 -6.65 -3.33 -25.28
CA GLY A 16 -5.32 -3.78 -24.94
C GLY A 16 -5.14 -5.29 -24.85
N LEU A 17 -5.71 -6.03 -25.79
CA LEU A 17 -5.51 -7.47 -25.84
C LEU A 17 -4.42 -7.86 -26.83
N ASP A 18 -3.85 -6.90 -27.55
CA ASP A 18 -2.75 -7.18 -28.47
C ASP A 18 -1.49 -7.40 -27.65
N ASN A 19 -1.00 -8.63 -27.63
CA ASN A 19 0.20 -9.01 -26.88
C ASN A 19 -0.01 -8.94 -25.37
N TYR A 20 -1.23 -9.18 -24.90
CA TYR A 20 -1.44 -9.30 -23.47
C TYR A 20 -0.86 -10.64 -23.03
N ARG A 21 0.24 -10.58 -22.28
CA ARG A 21 0.96 -11.76 -21.82
C ARG A 21 1.45 -12.58 -23.01
N GLY A 22 1.77 -11.89 -24.11
CA GLY A 22 2.38 -12.49 -25.27
C GLY A 22 1.45 -12.89 -26.40
N TYR A 23 0.13 -12.76 -26.24
CA TYR A 23 -0.81 -13.23 -27.24
C TYR A 23 -1.25 -12.08 -28.15
N SER A 24 -0.95 -12.21 -29.44
CA SER A 24 -1.29 -11.20 -30.43
C SER A 24 -2.80 -11.14 -30.64
N LEU A 25 -3.25 -10.00 -31.16
CA LEU A 25 -4.68 -9.76 -31.38
C LEU A 25 -5.34 -10.89 -32.16
N GLY A 26 -4.67 -11.34 -33.23
CA GLY A 26 -5.23 -12.39 -34.05
C GLY A 26 -5.70 -13.59 -33.25
N ASN A 27 -4.93 -13.97 -32.22
CA ASN A 27 -5.33 -15.10 -31.38
C ASN A 27 -6.72 -14.87 -30.79
N TRP A 28 -7.00 -13.65 -30.34
CA TRP A 28 -8.26 -13.36 -29.70
C TRP A 28 -9.39 -13.29 -30.72
N VAL A 29 -9.13 -12.71 -31.89
CA VAL A 29 -10.16 -12.65 -32.93
C VAL A 29 -10.53 -14.06 -33.36
N CYS A 30 -9.54 -14.90 -33.61
CA CYS A 30 -9.77 -16.31 -33.97
C CYS A 30 -10.58 -17.02 -32.89
N ALA A 31 -10.13 -16.94 -31.64
CA ALA A 31 -10.83 -17.61 -30.55
C ALA A 31 -12.28 -17.16 -30.47
N ALA A 32 -12.52 -15.85 -30.44
CA ALA A 32 -13.88 -15.33 -30.41
C ALA A 32 -14.72 -15.83 -31.57
N LYS A 33 -14.13 -15.91 -32.77
CA LYS A 33 -14.89 -16.39 -33.93
C LYS A 33 -15.36 -17.81 -33.73
N PHE A 34 -14.45 -18.69 -33.29
CA PHE A 34 -14.83 -20.09 -33.18
C PHE A 34 -15.48 -20.44 -31.85
N GLU A 35 -15.58 -19.48 -30.93
CA GLU A 35 -16.30 -19.69 -29.68
C GLU A 35 -17.71 -19.12 -29.70
N SER A 36 -17.92 -17.96 -30.33
CA SER A 36 -19.25 -17.38 -30.35
C SER A 36 -19.70 -16.86 -31.71
N ASN A 37 -18.87 -16.93 -32.75
CA ASN A 37 -19.16 -16.31 -34.03
C ASN A 37 -19.44 -14.82 -33.85
N PHE A 38 -18.55 -14.15 -33.11
CA PHE A 38 -18.64 -12.71 -32.81
C PHE A 38 -20.01 -12.32 -32.26
N ASN A 39 -20.63 -13.19 -31.47
CA ASN A 39 -21.91 -12.88 -30.85
C ASN A 39 -21.71 -12.53 -29.39
N THR A 40 -22.12 -11.31 -29.00
CA THR A 40 -21.95 -10.85 -27.63
C THR A 40 -22.94 -11.49 -26.67
N GLN A 41 -24.03 -12.05 -27.18
CA GLN A 41 -25.07 -12.66 -26.36
C GLN A 41 -25.14 -14.16 -26.54
N ALA A 42 -24.06 -14.77 -27.02
CA ALA A 42 -24.03 -16.21 -27.18
C ALA A 42 -24.03 -16.90 -25.82
N THR A 43 -24.86 -17.93 -25.68
CA THR A 43 -24.94 -18.74 -24.46
C THR A 43 -24.93 -20.21 -24.84
N ASN A 44 -24.13 -21.00 -24.12
CA ASN A 44 -24.08 -22.44 -24.37
C ASN A 44 -24.10 -23.19 -23.04
N ARG A 45 -25.06 -24.09 -22.87
CA ARG A 45 -25.15 -24.88 -21.65
C ARG A 45 -24.32 -26.16 -21.76
N ASN A 46 -23.69 -26.55 -20.65
CA ASN A 46 -22.76 -27.66 -20.61
C ASN A 46 -23.31 -28.79 -19.75
N THR A 47 -22.55 -29.89 -19.70
CA THR A 47 -22.92 -31.05 -18.90
C THR A 47 -22.98 -30.71 -17.42
N ASP A 48 -22.11 -29.79 -16.97
CA ASP A 48 -22.05 -29.46 -15.56
C ASP A 48 -23.36 -28.88 -15.05
N GLY A 49 -24.16 -28.30 -15.95
CA GLY A 49 -25.23 -27.43 -15.55
C GLY A 49 -24.84 -25.98 -15.49
N SER A 50 -23.71 -25.64 -16.11
CA SER A 50 -23.19 -24.28 -16.18
C SER A 50 -23.62 -23.65 -17.50
N THR A 51 -23.30 -22.36 -17.67
CA THR A 51 -23.52 -21.67 -18.93
C THR A 51 -22.24 -20.96 -19.36
N ASP A 52 -21.97 -20.99 -20.66
CA ASP A 52 -20.93 -20.20 -21.30
C ASP A 52 -21.59 -18.92 -21.80
N TYR A 53 -20.95 -17.78 -21.53
CA TYR A 53 -21.56 -16.46 -21.70
C TYR A 53 -20.63 -15.59 -22.52
N GLY A 54 -21.12 -15.07 -23.64
CA GLY A 54 -20.48 -13.90 -24.23
C GLY A 54 -19.62 -14.24 -25.43
N ILE A 55 -18.85 -13.23 -25.84
CA ILE A 55 -18.05 -13.32 -27.05
C ILE A 55 -17.03 -14.43 -26.92
N LEU A 56 -16.52 -14.65 -25.71
CA LEU A 56 -15.52 -15.68 -25.46
C LEU A 56 -16.06 -16.82 -24.60
N GLN A 57 -17.37 -16.95 -24.49
CA GLN A 57 -18.02 -18.13 -23.93
C GLN A 57 -17.37 -18.56 -22.60
N ILE A 58 -17.44 -17.66 -21.63
CA ILE A 58 -16.75 -17.84 -20.36
C ILE A 58 -17.66 -18.60 -19.41
N ASN A 59 -17.10 -19.62 -18.75
CA ASN A 59 -17.90 -20.56 -17.97
C ASN A 59 -18.33 -19.98 -16.64
N SER A 60 -19.49 -20.45 -16.17
CA SER A 60 -20.06 -19.96 -14.92
C SER A 60 -19.74 -20.85 -13.73
N ARG A 61 -19.11 -22.00 -13.94
CA ARG A 61 -18.66 -22.79 -12.80
C ARG A 61 -17.31 -22.33 -12.32
N TRP A 62 -16.57 -21.58 -13.14
CA TRP A 62 -15.20 -21.21 -12.81
C TRP A 62 -14.97 -19.72 -12.77
N TRP A 63 -15.57 -18.94 -13.68
CA TRP A 63 -15.15 -17.55 -13.82
C TRP A 63 -16.20 -16.50 -13.46
N CYS A 64 -17.48 -16.80 -13.54
CA CYS A 64 -18.48 -15.79 -13.21
C CYS A 64 -19.59 -16.41 -12.37
N ASN A 65 -20.37 -15.54 -11.72
CA ASN A 65 -21.51 -15.94 -10.90
C ASN A 65 -22.80 -15.49 -11.59
N ASP A 66 -23.66 -16.46 -11.93
CA ASP A 66 -24.97 -16.15 -12.49
C ASP A 66 -26.11 -16.30 -11.47
N GLY A 67 -25.84 -16.92 -10.32
CA GLY A 67 -26.91 -17.35 -9.43
C GLY A 67 -27.57 -18.63 -9.87
N ARG A 68 -27.04 -19.27 -10.90
CA ARG A 68 -27.59 -20.50 -11.45
C ARG A 68 -26.54 -21.60 -11.55
N THR A 69 -25.29 -21.31 -11.24
CA THR A 69 -24.28 -22.35 -11.06
C THR A 69 -23.89 -22.40 -9.60
N PRO A 70 -24.31 -23.40 -8.83
CA PRO A 70 -23.92 -23.46 -7.42
C PRO A 70 -22.54 -24.08 -7.26
N GLY A 71 -21.75 -23.52 -6.35
CA GLY A 71 -20.38 -23.94 -6.25
C GLY A 71 -19.50 -23.29 -7.29
N SER A 72 -19.93 -22.19 -7.87
CA SER A 72 -19.10 -21.47 -8.83
C SER A 72 -17.90 -20.90 -8.10
N ARG A 73 -16.76 -20.88 -8.77
CA ARG A 73 -15.58 -20.30 -8.13
C ARG A 73 -15.41 -18.82 -8.46
N ASN A 74 -16.19 -18.30 -9.40
CA ASN A 74 -16.23 -16.87 -9.72
C ASN A 74 -14.84 -16.25 -9.72
N LEU A 75 -13.97 -16.84 -10.54
CA LEU A 75 -12.57 -16.45 -10.49
C LEU A 75 -12.37 -15.05 -11.03
N CYS A 76 -13.25 -14.59 -11.91
CA CYS A 76 -13.21 -13.22 -12.39
C CYS A 76 -14.01 -12.27 -11.52
N ASN A 77 -14.69 -12.80 -10.49
CA ASN A 77 -15.37 -11.98 -9.47
C ASN A 77 -16.37 -11.02 -10.11
N ILE A 78 -17.16 -11.55 -11.05
CA ILE A 78 -18.11 -10.74 -11.81
C ILE A 78 -19.42 -11.51 -11.97
N PRO A 79 -20.51 -10.78 -12.15
CA PRO A 79 -21.76 -11.42 -12.58
C PRO A 79 -21.66 -11.85 -14.02
N CYS A 80 -22.40 -12.91 -14.37
CA CYS A 80 -22.35 -13.38 -15.74
C CYS A 80 -23.18 -12.53 -16.67
N SER A 81 -24.05 -11.66 -16.13
CA SER A 81 -24.80 -10.73 -16.97
C SER A 81 -23.86 -9.80 -17.72
N ALA A 82 -22.76 -9.40 -17.06
CA ALA A 82 -21.86 -8.44 -17.67
C ALA A 82 -21.15 -9.02 -18.88
N LEU A 83 -21.12 -10.35 -19.02
CA LEU A 83 -20.53 -10.99 -20.18
C LEU A 83 -21.50 -11.08 -21.34
N LEU A 84 -22.76 -10.69 -21.14
CA LEU A 84 -23.78 -10.76 -22.16
C LEU A 84 -24.11 -9.40 -22.73
N SER A 85 -23.24 -8.42 -22.49
CA SER A 85 -23.50 -7.05 -22.91
C SER A 85 -22.93 -6.80 -24.31
N SER A 86 -23.40 -5.71 -24.93
CA SER A 86 -22.82 -5.25 -26.18
C SER A 86 -21.45 -4.63 -25.95
N ASP A 87 -21.15 -4.25 -24.72
CA ASP A 87 -19.83 -3.80 -24.33
C ASP A 87 -18.97 -5.01 -23.97
N ILE A 88 -17.76 -5.08 -24.53
CA ILE A 88 -16.93 -6.26 -24.37
C ILE A 88 -16.00 -6.08 -23.18
N THR A 89 -16.24 -5.04 -22.39
CA THR A 89 -15.32 -4.68 -21.31
C THR A 89 -15.12 -5.85 -20.35
N ALA A 90 -16.22 -6.40 -19.84
CA ALA A 90 -16.12 -7.45 -18.83
C ALA A 90 -15.53 -8.71 -19.42
N SER A 91 -16.03 -9.13 -20.59
CA SER A 91 -15.43 -10.28 -21.27
C SER A 91 -13.92 -10.13 -21.41
N VAL A 92 -13.45 -8.92 -21.75
CA VAL A 92 -12.02 -8.71 -21.95
C VAL A 92 -11.27 -8.82 -20.62
N ASN A 93 -11.76 -8.16 -19.57
CA ASN A 93 -11.04 -8.21 -18.30
C ASN A 93 -11.00 -9.64 -17.76
N CYS A 94 -12.07 -10.39 -17.99
CA CYS A 94 -12.12 -11.76 -17.49
C CYS A 94 -11.18 -12.64 -18.30
N ALA A 95 -11.20 -12.53 -19.63
CA ALA A 95 -10.25 -13.28 -20.46
C ALA A 95 -8.81 -12.93 -20.14
N LYS A 96 -8.55 -11.69 -19.72
CA LYS A 96 -7.20 -11.33 -19.29
C LYS A 96 -6.83 -12.10 -18.03
N LYS A 97 -7.80 -12.31 -17.13
CA LYS A 97 -7.50 -13.12 -15.96
C LYS A 97 -7.31 -14.60 -16.33
N ILE A 98 -8.21 -15.13 -17.17
CA ILE A 98 -8.13 -16.51 -17.65
C ILE A 98 -6.78 -16.80 -18.30
N VAL A 99 -6.27 -15.85 -19.08
CA VAL A 99 -5.04 -16.09 -19.82
C VAL A 99 -3.83 -15.89 -18.94
N SER A 100 -3.98 -15.19 -17.81
CA SER A 100 -2.88 -14.94 -16.88
C SER A 100 -2.60 -16.16 -16.01
N ASP A 101 -3.24 -17.29 -16.29
CA ASP A 101 -2.92 -18.55 -15.65
C ASP A 101 -1.94 -19.31 -16.54
N GLY A 102 -1.30 -20.33 -15.96
CA GLY A 102 -0.25 -21.03 -16.67
C GLY A 102 -0.73 -21.75 -17.91
N ASN A 103 -2.02 -22.11 -17.95
CA ASN A 103 -2.57 -22.77 -19.12
C ASN A 103 -2.72 -21.80 -20.28
N GLY A 104 -3.01 -20.53 -20.00
CA GLY A 104 -3.02 -19.54 -21.05
C GLY A 104 -4.28 -19.60 -21.88
N MET A 105 -4.15 -19.47 -23.19
CA MET A 105 -5.29 -19.53 -24.09
C MET A 105 -5.68 -20.97 -24.40
N ASN A 106 -5.09 -21.93 -23.69
CA ASN A 106 -5.51 -23.32 -23.78
C ASN A 106 -6.74 -23.59 -22.93
N ALA A 107 -7.32 -22.55 -22.34
CA ALA A 107 -8.60 -22.65 -21.67
C ALA A 107 -9.76 -22.50 -22.64
N TRP A 108 -9.48 -22.10 -23.88
CA TRP A 108 -10.48 -21.97 -24.93
C TRP A 108 -10.29 -23.13 -25.91
N VAL A 109 -11.28 -24.03 -25.96
CA VAL A 109 -11.18 -25.21 -26.82
C VAL A 109 -11.00 -24.81 -28.28
N ALA A 110 -11.81 -23.84 -28.74
CA ALA A 110 -11.69 -23.34 -30.10
C ALA A 110 -10.25 -22.95 -30.42
N TRP A 111 -9.65 -22.10 -29.58
CA TRP A 111 -8.26 -21.69 -29.78
C TRP A 111 -7.34 -22.90 -29.91
N ARG A 112 -7.46 -23.87 -29.00
CA ARG A 112 -6.61 -25.06 -29.07
C ARG A 112 -6.78 -25.79 -30.40
N ASN A 113 -8.02 -25.86 -30.90
CA ASN A 113 -8.32 -26.70 -32.05
C ASN A 113 -8.16 -25.98 -33.37
N ARG A 114 -8.42 -24.67 -33.42
CA ARG A 114 -8.50 -23.96 -34.67
C ARG A 114 -7.52 -22.81 -34.82
N CYS A 115 -6.89 -22.33 -33.74
CA CYS A 115 -5.97 -21.21 -33.83
C CYS A 115 -4.54 -21.53 -33.45
N LYS A 116 -4.31 -22.47 -32.53
CA LYS A 116 -2.95 -22.78 -32.09
C LYS A 116 -2.12 -23.32 -33.25
N GLY A 117 -1.03 -22.62 -33.56
CA GLY A 117 -0.14 -23.06 -34.61
C GLY A 117 -0.45 -22.52 -35.98
N THR A 118 -1.41 -21.60 -36.09
CA THR A 118 -1.85 -21.01 -37.35
C THR A 118 -1.44 -19.55 -37.41
N ASP A 119 -1.43 -19.01 -38.63
CA ASP A 119 -1.15 -17.58 -38.82
C ASP A 119 -2.40 -16.82 -38.43
N VAL A 120 -2.47 -16.44 -37.14
CA VAL A 120 -3.65 -15.74 -36.63
C VAL A 120 -3.67 -14.29 -37.05
N GLN A 121 -2.56 -13.77 -37.58
CA GLN A 121 -2.53 -12.42 -38.11
C GLN A 121 -3.44 -12.30 -39.32
N ALA A 122 -3.70 -13.42 -40.01
CA ALA A 122 -4.68 -13.45 -41.07
C ALA A 122 -6.05 -12.95 -40.62
N TRP A 123 -6.37 -13.10 -39.33
CA TRP A 123 -7.66 -12.63 -38.82
C TRP A 123 -7.70 -11.13 -38.58
N ILE A 124 -6.56 -10.44 -38.71
CA ILE A 124 -6.51 -8.99 -38.65
C ILE A 124 -6.00 -8.35 -39.93
N ARG A 125 -5.42 -9.13 -40.85
CA ARG A 125 -4.98 -8.60 -42.12
C ARG A 125 -6.21 -8.21 -42.95
N GLY A 126 -6.19 -7.00 -43.49
CA GLY A 126 -7.33 -6.39 -44.14
C GLY A 126 -7.94 -5.27 -43.33
N CYS A 127 -7.76 -5.28 -42.02
CA CYS A 127 -8.33 -4.29 -41.13
C CYS A 127 -7.33 -3.17 -40.91
N ARG A 128 -7.83 -1.93 -40.86
CA ARG A 128 -6.97 -0.76 -40.74
C ARG A 128 -7.29 0.05 -39.49
N ASP B 1 10.43 -7.29 -18.65
CA ASP B 1 10.34 -6.36 -17.53
C ASP B 1 10.09 -4.91 -17.97
N ILE B 2 8.85 -4.46 -17.84
CA ILE B 2 8.49 -3.09 -18.20
C ILE B 2 8.92 -2.17 -17.06
N VAL B 3 9.57 -1.06 -17.41
CA VAL B 3 9.95 -0.05 -16.43
C VAL B 3 8.90 1.06 -16.50
N LEU B 4 8.33 1.40 -15.34
CA LEU B 4 7.39 2.51 -15.21
C LEU B 4 8.06 3.64 -14.43
N THR B 5 8.07 4.83 -15.03
CA THR B 5 8.56 6.03 -14.35
C THR B 5 7.42 7.01 -14.18
N GLN B 6 7.19 7.45 -12.94
CA GLN B 6 6.10 8.36 -12.61
C GLN B 6 6.64 9.77 -12.41
N SER B 7 5.87 10.77 -12.86
CA SER B 7 6.27 12.18 -12.74
C SER B 7 5.05 13.08 -12.60
N PRO B 8 5.11 14.13 -11.77
CA PRO B 8 6.23 14.54 -10.92
C PRO B 8 6.32 13.63 -9.71
N ALA B 9 7.33 13.82 -8.88
CA ALA B 9 7.46 12.94 -7.73
C ALA B 9 6.73 13.48 -6.52
N THR B 10 6.64 14.80 -6.38
CA THR B 10 5.88 15.44 -5.31
C THR B 10 5.20 16.68 -5.85
N LEU B 11 3.92 16.84 -5.55
CA LEU B 11 3.18 18.03 -5.94
C LEU B 11 2.33 18.54 -4.78
N SER B 12 2.30 19.85 -4.61
CA SER B 12 1.48 20.55 -3.62
C SER B 12 0.40 21.33 -4.34
N VAL B 13 -0.85 21.16 -3.91
CA VAL B 13 -2.00 21.73 -4.61
C VAL B 13 -2.90 22.45 -3.62
N THR B 14 -3.38 23.62 -4.03
CA THR B 14 -4.43 24.29 -3.26
C THR B 14 -5.76 23.60 -3.54
N PRO B 15 -6.52 23.24 -2.51
CA PRO B 15 -7.79 22.51 -2.74
C PRO B 15 -8.69 23.31 -3.68
N GLY B 16 -9.23 22.62 -4.68
CA GLY B 16 -10.06 23.24 -5.69
C GLY B 16 -9.45 23.27 -7.07
N ASN B 17 -8.15 22.99 -7.19
CA ASN B 17 -7.46 22.99 -8.46
C ASN B 17 -7.37 21.56 -9.01
N SER B 18 -7.00 21.47 -10.28
CA SER B 18 -6.90 20.18 -10.97
C SER B 18 -5.43 19.82 -11.15
N VAL B 19 -5.13 18.53 -11.02
CA VAL B 19 -3.77 18.03 -11.21
C VAL B 19 -3.78 16.86 -12.18
N SER B 20 -2.63 16.65 -12.82
CA SER B 20 -2.42 15.53 -13.71
C SER B 20 -1.10 14.85 -13.36
N LEU B 21 -1.12 13.53 -13.31
CA LEU B 21 0.00 12.71 -12.91
C LEU B 21 0.35 11.82 -14.09
N SER B 22 1.63 11.70 -14.40
CA SER B 22 2.07 10.99 -15.59
C SER B 22 2.79 9.70 -15.20
N CYS B 23 2.50 8.63 -15.95
CA CYS B 23 3.17 7.35 -15.82
C CYS B 23 3.64 6.91 -17.20
N ARG B 24 4.96 6.74 -17.38
CA ARG B 24 5.51 6.35 -18.67
C ARG B 24 6.05 4.93 -18.59
N ALA B 25 5.82 4.17 -19.65
CA ALA B 25 6.26 2.78 -19.73
C ALA B 25 7.43 2.62 -20.69
N SER B 26 8.29 1.66 -20.39
CA SER B 26 9.44 1.37 -21.23
C SER B 26 9.05 0.60 -22.49
N GLN B 27 7.89 -0.04 -22.49
CA GLN B 27 7.36 -0.70 -23.67
C GLN B 27 5.84 -0.56 -23.68
N SER B 28 5.25 -0.66 -24.88
CA SER B 28 3.81 -0.54 -25.03
C SER B 28 3.07 -1.57 -24.18
N ILE B 29 2.07 -1.11 -23.43
CA ILE B 29 1.33 -2.00 -22.52
C ILE B 29 -0.16 -1.90 -22.79
N GLY B 30 -0.52 -1.41 -23.97
CA GLY B 30 -1.93 -1.24 -24.32
C GLY B 30 -2.67 -0.39 -23.30
N ASN B 31 -3.72 -0.94 -22.70
CA ASN B 31 -4.48 -0.26 -21.67
C ASN B 31 -4.27 -0.86 -20.29
N ASN B 32 -3.27 -1.71 -20.12
CA ASN B 32 -3.11 -2.51 -18.90
C ASN B 32 -2.30 -1.73 -17.84
N LEU B 33 -2.78 -0.54 -17.51
CA LEU B 33 -2.20 0.28 -16.45
C LEU B 33 -3.24 0.60 -15.41
N HIS B 34 -2.89 0.38 -14.15
CA HIS B 34 -3.78 0.56 -13.02
C HIS B 34 -3.18 1.61 -12.08
N TRP B 35 -4.06 2.40 -11.47
CA TRP B 35 -3.68 3.46 -10.56
C TRP B 35 -4.20 3.14 -9.16
N TYR B 36 -3.32 3.32 -8.17
CA TYR B 36 -3.58 3.05 -6.76
C TYR B 36 -3.27 4.30 -5.94
N GLN B 37 -4.02 4.46 -4.85
CA GLN B 37 -3.81 5.50 -3.85
C GLN B 37 -3.42 4.84 -2.54
N GLN B 38 -2.32 5.30 -1.94
CA GLN B 38 -1.96 4.84 -0.59
C GLN B 38 -1.85 6.05 0.33
N LYS B 39 -2.68 6.09 1.36
CA LYS B 39 -2.59 7.13 2.39
C LYS B 39 -1.75 6.63 3.56
N SER B 40 -1.72 7.40 4.63
CA SER B 40 -1.02 6.99 5.83
C SER B 40 -1.86 5.94 6.58
N HIS B 41 -1.18 4.92 7.10
CA HIS B 41 -1.82 3.85 7.88
C HIS B 41 -2.82 3.05 7.05
N GLU B 42 -2.51 2.79 5.78
CA GLU B 42 -3.49 2.19 4.88
C GLU B 42 -2.82 1.38 3.77
N SER B 43 -3.44 0.25 3.43
CA SER B 43 -3.03 -0.53 2.28
CA SER B 43 -3.03 -0.53 2.28
C SER B 43 -3.45 0.15 0.98
N PRO B 44 -2.67 -0.03 -0.10
CA PRO B 44 -2.99 0.57 -1.41
C PRO B 44 -4.46 0.39 -1.81
N ARG B 45 -5.02 1.45 -2.39
CA ARG B 45 -6.42 1.51 -2.79
C ARG B 45 -6.50 1.66 -4.31
N LEU B 46 -7.03 0.64 -4.99
CA LEU B 46 -7.24 0.74 -6.43
C LEU B 46 -8.20 1.87 -6.76
N LEU B 47 -7.75 2.82 -7.58
CA LEU B 47 -8.59 3.91 -8.06
C LEU B 47 -9.02 3.74 -9.51
N ILE B 48 -8.10 3.37 -10.38
CA ILE B 48 -8.41 3.23 -11.81
C ILE B 48 -7.87 1.91 -12.31
N LYS B 49 -8.69 1.15 -13.05
CA LYS B 49 -8.24 -0.12 -13.61
C LYS B 49 -8.34 -0.05 -15.13
N TYR B 50 -7.38 -0.72 -15.79
CA TYR B 50 -7.17 -0.74 -17.23
C TYR B 50 -7.28 0.66 -17.84
N ALA B 51 -6.80 1.63 -17.07
CA ALA B 51 -6.30 2.94 -17.43
C ALA B 51 -7.36 3.95 -17.84
N SER B 52 -8.62 3.55 -18.01
CA SER B 52 -9.73 4.49 -18.00
C SER B 52 -10.97 4.00 -17.26
N GLN B 53 -10.96 2.77 -16.74
CA GLN B 53 -12.16 2.20 -16.15
C GLN B 53 -12.30 2.66 -14.70
N SER B 54 -13.53 3.01 -14.32
CA SER B 54 -13.83 3.50 -13.00
C SER B 54 -14.03 2.34 -12.02
N ILE B 55 -13.95 2.66 -10.73
CA ILE B 55 -14.14 1.71 -9.65
C ILE B 55 -15.31 2.19 -8.81
N SER B 56 -16.19 1.26 -8.42
CA SER B 56 -17.40 1.64 -7.68
C SER B 56 -17.03 2.38 -6.40
N GLY B 57 -17.63 3.56 -6.22
CA GLY B 57 -17.45 4.34 -5.04
C GLY B 57 -16.44 5.47 -5.20
N ILE B 58 -15.47 5.27 -6.08
CA ILE B 58 -14.37 6.24 -6.22
C ILE B 58 -14.91 7.52 -6.86
N PRO B 59 -14.66 8.69 -6.29
CA PRO B 59 -15.20 9.94 -6.84
C PRO B 59 -14.97 10.07 -8.34
N SER B 60 -15.93 10.68 -9.03
CA SER B 60 -15.79 10.88 -10.47
C SER B 60 -14.76 11.94 -10.79
N ARG B 61 -14.25 12.63 -9.78
CA ARG B 61 -13.22 13.62 -10.02
C ARG B 61 -11.92 12.96 -10.42
N PHE B 62 -11.77 11.65 -10.15
CA PHE B 62 -10.64 10.88 -10.63
C PHE B 62 -10.90 10.38 -12.05
N ARG B 63 -9.95 10.63 -12.94
CA ARG B 63 -10.06 10.30 -14.34
C ARG B 63 -8.79 9.59 -14.79
N GLY B 64 -8.92 8.59 -15.65
CA GLY B 64 -7.77 7.91 -16.22
C GLY B 64 -7.73 8.15 -17.71
N ARG B 65 -6.53 8.43 -18.22
CA ARG B 65 -6.35 8.71 -19.64
C ARG B 65 -5.04 8.05 -20.06
N GLY B 66 -5.03 7.41 -21.21
CA GLY B 66 -3.76 6.94 -21.77
C GLY B 66 -3.83 5.53 -22.33
N ARG B 67 -2.96 5.26 -23.30
CA ARG B 67 -2.85 3.94 -23.93
C ARG B 67 -1.49 3.85 -24.59
N GLY B 68 -0.80 2.72 -24.38
CA GLY B 68 0.51 2.56 -24.99
C GLY B 68 1.66 2.71 -24.04
N THR B 69 2.37 3.84 -24.12
CA THR B 69 3.57 4.06 -23.33
C THR B 69 3.47 5.25 -22.40
N ARG B 70 2.44 6.08 -22.53
CA ARG B 70 2.25 7.28 -21.72
C ARG B 70 0.81 7.31 -21.21
N PHE B 71 0.65 7.42 -19.90
CA PHE B 71 -0.65 7.39 -19.24
C PHE B 71 -0.71 8.52 -18.23
N ARG B 72 -1.90 8.81 -17.74
CA ARG B 72 -2.08 9.95 -16.87
C ARG B 72 -3.31 9.73 -15.98
N LEU B 73 -3.19 10.14 -14.72
CA LEU B 73 -4.29 10.20 -13.77
C LEU B 73 -4.60 11.66 -13.47
N SER B 74 -5.84 12.07 -13.71
CA SER B 74 -6.26 13.44 -13.48
C SER B 74 -7.16 13.50 -12.25
N ILE B 75 -6.91 14.47 -11.38
CA ILE B 75 -7.77 14.75 -10.24
C ILE B 75 -8.29 16.16 -10.43
N ASN B 76 -9.53 16.29 -10.85
CA ASN B 76 -10.13 17.61 -10.99
C ASN B 76 -10.71 18.02 -9.65
N SER B 77 -10.69 19.32 -9.39
CA SER B 77 -11.16 19.88 -8.12
C SER B 77 -10.67 19.04 -6.95
N VAL B 78 -9.34 18.91 -6.87
CA VAL B 78 -8.73 18.12 -5.80
C VAL B 78 -9.27 18.59 -4.45
N GLU B 79 -9.58 17.63 -3.58
CA GLU B 79 -10.13 17.92 -2.26
C GLU B 79 -9.09 17.58 -1.20
N THR B 80 -9.45 17.83 0.07
CA THR B 80 -8.47 17.65 1.13
C THR B 80 -8.15 16.17 1.36
N GLU B 81 -9.08 15.29 1.07
CA GLU B 81 -8.92 13.88 1.37
C GLU B 81 -8.08 13.15 0.33
N ASP B 82 -7.48 13.87 -0.62
CA ASP B 82 -6.75 13.25 -1.71
C ASP B 82 -5.24 13.28 -1.49
N PHE B 83 -4.80 13.57 -0.27
CA PHE B 83 -3.38 13.52 0.06
C PHE B 83 -2.91 12.07 0.08
N GLY B 84 -1.70 11.83 -0.43
CA GLY B 84 -1.18 10.47 -0.36
C GLY B 84 -0.21 10.19 -1.49
N MET B 85 0.27 8.95 -1.50
CA MET B 85 1.10 8.49 -2.60
C MET B 85 0.21 7.88 -3.66
N TYR B 86 0.68 7.97 -4.90
CA TYR B 86 -0.06 7.48 -6.04
C TYR B 86 0.86 6.59 -6.84
N PHE B 87 0.42 5.37 -7.12
CA PHE B 87 1.27 4.40 -7.81
C PHE B 87 0.57 3.93 -9.08
N CYS B 88 1.36 3.74 -10.13
CA CYS B 88 0.90 3.06 -11.33
C CYS B 88 1.52 1.67 -11.41
N GLN B 89 0.76 0.73 -11.95
CA GLN B 89 1.16 -0.66 -12.13
C GLN B 89 0.74 -1.17 -13.49
N GLN B 90 1.61 -1.95 -14.13
CA GLN B 90 1.26 -2.62 -15.37
C GLN B 90 0.93 -4.09 -15.10
N SER B 91 0.13 -4.67 -15.99
CA SER B 91 -0.28 -6.06 -15.88
C SER B 91 -0.15 -6.77 -17.21
N ASN B 92 0.45 -6.11 -18.21
CA ASN B 92 0.57 -6.62 -19.57
C ASN B 92 1.64 -7.70 -19.68
N SER B 93 2.71 -7.59 -18.90
CA SER B 93 3.81 -8.53 -18.94
C SER B 93 4.21 -8.91 -17.53
N TRP B 94 4.77 -10.09 -17.39
CA TRP B 94 5.29 -10.54 -16.10
C TRP B 94 6.80 -10.46 -16.13
N PRO B 95 7.44 -9.84 -15.14
CA PRO B 95 6.86 -9.44 -13.85
C PRO B 95 6.02 -8.18 -13.89
N TYR B 96 4.96 -8.15 -13.08
CA TYR B 96 4.14 -6.96 -12.95
C TYR B 96 4.97 -5.92 -12.22
N THR B 97 5.07 -4.74 -12.79
CA THR B 97 5.94 -3.71 -12.23
C THR B 97 5.12 -2.52 -11.76
N PHE B 98 5.74 -1.72 -10.90
CA PHE B 98 5.13 -0.53 -10.31
C PHE B 98 5.93 0.70 -10.73
N GLY B 99 5.36 1.87 -10.45
CA GLY B 99 6.06 3.13 -10.61
C GLY B 99 6.61 3.59 -9.28
N GLY B 100 7.36 4.69 -9.33
CA GLY B 100 8.04 5.15 -8.13
C GLY B 100 7.14 5.88 -7.17
N GLY B 101 6.00 6.34 -7.64
CA GLY B 101 5.04 7.03 -6.80
C GLY B 101 5.00 8.51 -7.12
N THR B 102 3.90 9.13 -6.70
CA THR B 102 3.78 10.58 -6.70
C THR B 102 3.13 10.96 -5.38
N LYS B 103 3.84 11.71 -4.54
CA LYS B 103 3.24 12.17 -3.31
C LYS B 103 2.47 13.44 -3.59
N LEU B 104 1.20 13.44 -3.20
CA LEU B 104 0.33 14.61 -3.29
C LEU B 104 0.19 15.18 -1.89
N GLU B 105 0.52 16.46 -1.75
CA GLU B 105 0.39 17.23 -0.53
C GLU B 105 -0.68 18.30 -0.74
N ILE B 106 -1.54 18.48 0.26
CA ILE B 106 -2.64 19.43 0.18
C ILE B 106 -2.21 20.73 0.84
N LYS B 107 -2.31 21.83 0.10
CA LYS B 107 -2.00 23.13 0.67
C LYS B 107 -3.14 23.59 1.55
N ARG B 108 -2.77 24.28 2.63
CA ARG B 108 -3.69 24.61 3.71
C ARG B 108 -3.34 26.00 4.21
N ALA B 109 -4.21 26.58 5.03
CA ALA B 109 -3.85 27.83 5.67
C ALA B 109 -2.75 27.58 6.68
N ASP B 110 -1.89 28.57 6.87
CA ASP B 110 -0.78 28.41 7.81
C ASP B 110 -1.33 28.16 9.20
N ALA B 111 -0.62 27.33 9.98
CA ALA B 111 -1.01 27.02 11.34
C ALA B 111 0.22 27.05 12.23
N ALA B 112 0.11 27.71 13.38
CA ALA B 112 1.25 27.80 14.26
C ALA B 112 1.40 26.53 15.10
N PRO B 113 2.63 26.12 15.39
CA PRO B 113 2.83 24.88 16.16
C PRO B 113 2.35 25.07 17.59
N THR B 114 1.68 24.04 18.10
CA THR B 114 1.35 23.99 19.52
C THR B 114 2.51 23.29 20.22
N VAL B 115 3.39 24.07 20.85
CA VAL B 115 4.61 23.56 21.46
C VAL B 115 4.34 23.18 22.91
N SER B 116 4.80 21.99 23.30
CA SER B 116 4.70 21.52 24.68
C SER B 116 6.01 20.87 25.08
N ILE B 117 6.58 21.30 26.20
CA ILE B 117 7.85 20.76 26.68
C ILE B 117 7.60 19.93 27.94
N PHE B 118 8.26 18.78 28.01
CA PHE B 118 8.05 17.83 29.08
C PHE B 118 9.40 17.49 29.71
N PRO B 119 9.51 17.64 31.03
CA PRO B 119 10.74 17.32 31.74
C PRO B 119 11.05 15.83 31.68
N PRO B 120 12.29 15.44 31.95
CA PRO B 120 12.59 14.02 32.10
C PRO B 120 11.73 13.42 33.19
N SER B 121 11.25 12.20 32.92
CA SER B 121 10.41 11.53 33.90
C SER B 121 11.26 11.01 35.05
N SER B 122 10.71 11.08 36.26
CA SER B 122 11.40 10.55 37.43
C SER B 122 11.79 9.10 37.22
N GLU B 123 10.95 8.34 36.51
CA GLU B 123 11.25 6.94 36.20
C GLU B 123 12.47 6.82 35.31
N GLN B 124 12.61 7.73 34.34
CA GLN B 124 13.78 7.74 33.49
C GLN B 124 15.01 8.18 34.27
N LEU B 125 14.86 9.21 35.11
CA LEU B 125 15.98 9.77 35.88
C LEU B 125 16.64 8.72 36.78
N THR B 126 15.92 7.66 37.14
CA THR B 126 16.50 6.60 37.96
C THR B 126 17.61 5.84 37.24
N SER B 127 17.74 6.04 35.95
CA SER B 127 18.76 5.40 35.14
C SER B 127 19.49 6.51 34.40
N GLY B 128 20.36 6.17 33.46
CA GLY B 128 21.10 7.22 32.79
C GLY B 128 20.17 7.86 31.78
N GLY B 129 19.19 8.58 32.32
CA GLY B 129 17.99 9.02 31.64
C GLY B 129 18.11 10.44 31.12
N ALA B 130 17.38 11.38 31.72
CA ALA B 130 17.55 12.80 31.41
C ALA B 130 17.30 13.12 29.94
N SER B 131 16.07 12.89 29.49
CA SER B 131 15.67 13.12 28.10
C SER B 131 14.42 13.99 28.09
N VAL B 132 14.62 15.26 27.74
CA VAL B 132 13.57 16.27 27.66
C VAL B 132 12.88 16.19 26.31
N VAL B 133 11.55 16.19 26.31
CA VAL B 133 10.77 16.00 25.09
C VAL B 133 10.01 17.28 24.73
N CYS B 134 10.02 17.63 23.45
CA CYS B 134 9.27 18.77 22.94
C CYS B 134 8.32 18.28 21.84
N PHE B 135 7.03 18.56 21.99
CA PHE B 135 6.02 18.23 20.98
C PHE B 135 5.57 19.50 20.29
N LEU B 136 5.80 19.57 18.98
CA LEU B 136 5.33 20.67 18.14
C LEU B 136 4.19 20.16 17.28
N ASN B 137 2.94 20.42 17.67
CA ASN B 137 1.84 19.73 17.00
C ASN B 137 1.02 20.67 16.13
N ASN B 138 0.41 20.07 15.10
CA ASN B 138 -0.62 20.73 14.28
C ASN B 138 -0.13 22.04 13.65
N PHE B 139 0.88 21.91 12.79
CA PHE B 139 1.48 23.07 12.14
C PHE B 139 1.58 22.85 10.64
N TYR B 140 1.45 23.96 9.89
CA TYR B 140 1.53 24.06 8.44
C TYR B 140 2.05 25.46 8.13
N PRO B 141 2.95 25.63 7.15
CA PRO B 141 3.60 24.62 6.28
C PRO B 141 4.64 23.73 6.96
N LYS B 142 5.18 22.79 6.17
CA LYS B 142 6.10 21.80 6.73
C LYS B 142 7.37 22.45 7.28
N ASP B 143 7.81 23.56 6.69
CA ASP B 143 9.08 24.17 7.06
C ASP B 143 9.13 24.47 8.56
N ILE B 144 10.03 23.81 9.28
CA ILE B 144 10.19 24.01 10.71
C ILE B 144 11.66 23.80 11.05
N ASN B 145 12.12 24.46 12.12
CA ASN B 145 13.47 24.24 12.63
C ASN B 145 13.44 24.36 14.14
N VAL B 146 14.02 23.38 14.83
CA VAL B 146 14.01 23.32 16.29
C VAL B 146 15.45 23.32 16.79
N LYS B 147 15.73 24.16 17.78
CA LYS B 147 17.01 24.20 18.47
C LYS B 147 16.80 24.05 19.96
N TRP B 148 17.62 23.21 20.59
CA TRP B 148 17.61 23.00 22.03
C TRP B 148 18.78 23.80 22.63
N LYS B 149 18.50 24.65 23.63
CA LYS B 149 19.53 25.45 24.30
C LYS B 149 19.39 25.20 25.80
N ILE B 150 20.36 24.52 26.43
CA ILE B 150 19.94 24.12 27.77
C ILE B 150 19.93 25.21 28.82
N ASP B 151 21.09 25.76 29.19
CA ASP B 151 21.13 27.00 29.95
C ASP B 151 21.43 28.20 29.06
N GLY B 152 20.55 28.50 28.11
CA GLY B 152 20.87 29.58 27.23
C GLY B 152 21.79 29.21 26.09
N SER B 153 22.55 28.12 26.22
CA SER B 153 23.59 27.74 25.27
C SER B 153 23.12 26.55 24.45
N GLU B 154 23.08 26.74 23.14
CA GLU B 154 22.66 25.68 22.22
C GLU B 154 23.44 24.38 22.44
N ARG B 155 22.73 23.27 22.34
CA ARG B 155 23.31 21.93 22.26
C ARG B 155 22.65 21.22 21.08
N GLN B 156 23.44 20.80 20.09
CA GLN B 156 22.92 19.82 19.14
C GLN B 156 23.96 18.71 19.06
N ASN B 157 23.90 17.75 19.98
CA ASN B 157 24.48 16.42 19.79
C ASN B 157 23.57 15.28 20.20
N GLY B 158 22.62 15.51 21.10
CA GLY B 158 21.84 14.46 21.70
C GLY B 158 20.40 14.50 21.26
N VAL B 159 20.16 15.18 20.15
CA VAL B 159 18.82 15.55 19.74
C VAL B 159 18.34 14.56 18.70
N LEU B 160 17.11 14.10 18.85
CA LEU B 160 16.47 13.18 17.93
C LEU B 160 15.12 13.78 17.54
N ASN B 161 14.86 13.85 16.24
CA ASN B 161 13.64 14.44 15.73
C ASN B 161 12.84 13.41 14.95
N SER B 162 11.52 13.54 15.02
CA SER B 162 10.60 12.74 14.21
C SER B 162 9.41 13.59 13.83
N TRP B 163 8.80 13.29 12.69
CA TRP B 163 7.70 14.12 12.21
C TRP B 163 6.68 13.24 11.50
N THR B 164 5.42 13.64 11.60
CA THR B 164 4.31 12.94 10.95
C THR B 164 3.97 13.60 9.63
N ASP B 165 3.22 12.89 8.79
CA ASP B 165 2.75 13.46 7.54
C ASP B 165 1.44 14.21 7.79
N GLN B 166 0.84 14.70 6.72
CA GLN B 166 -0.41 15.45 6.85
C GLN B 166 -1.44 14.62 7.60
N ASP B 167 -2.18 15.28 8.49
CA ASP B 167 -3.13 14.61 9.36
C ASP B 167 -4.49 14.48 8.67
N SER B 168 -5.19 13.41 9.00
CA SER B 168 -6.48 13.09 8.43
C SER B 168 -7.61 13.94 9.00
N LYS B 169 -7.28 14.90 9.86
CA LYS B 169 -8.28 15.76 10.47
C LYS B 169 -8.14 17.22 10.06
N ASP B 170 -6.92 17.75 9.99
CA ASP B 170 -6.70 19.16 9.68
C ASP B 170 -5.65 19.40 8.61
N SER B 171 -5.06 18.35 8.03
CA SER B 171 -4.07 18.46 6.95
C SER B 171 -2.78 19.15 7.39
N THR B 172 -2.41 19.06 8.66
CA THR B 172 -1.25 19.71 9.24
C THR B 172 -0.19 18.66 9.53
N TYR B 173 0.98 19.12 9.97
CA TYR B 173 2.05 18.21 10.36
C TYR B 173 2.28 18.30 11.86
N SER B 174 3.00 17.33 12.38
CA SER B 174 3.41 17.35 13.78
C SER B 174 4.85 16.85 13.89
N MET B 175 5.48 17.18 15.01
CA MET B 175 6.89 16.92 15.22
C MET B 175 7.16 16.59 16.68
N SER B 176 8.13 15.71 16.93
CA SER B 176 8.68 15.44 18.26
C SER B 176 10.18 15.63 18.24
N SER B 177 10.72 16.36 19.21
CA SER B 177 12.17 16.52 19.37
C SER B 177 12.56 16.07 20.76
N THR B 178 13.62 15.27 20.86
CA THR B 178 14.04 14.72 22.14
C THR B 178 15.51 15.02 22.38
N LEU B 179 15.80 15.79 23.42
CA LEU B 179 17.17 16.04 23.86
C LEU B 179 17.53 15.00 24.92
N THR B 180 18.43 14.09 24.58
CA THR B 180 18.88 13.03 25.48
C THR B 180 20.20 13.41 26.12
N LEU B 181 20.22 13.42 27.45
CA LEU B 181 21.40 13.77 28.24
C LEU B 181 21.68 12.65 29.23
N THR B 182 22.62 12.87 30.14
CA THR B 182 22.81 11.97 31.25
C THR B 182 22.27 12.63 32.51
N LYS B 183 21.96 11.81 33.52
CA LYS B 183 21.35 12.37 34.72
C LYS B 183 22.29 13.37 35.37
N ASP B 184 23.58 13.07 35.39
CA ASP B 184 24.59 14.03 35.82
C ASP B 184 24.39 15.38 35.13
N GLU B 185 24.45 15.38 33.79
CA GLU B 185 24.34 16.62 33.03
C GLU B 185 23.04 17.34 33.35
N TYR B 186 21.94 16.58 33.44
CA TYR B 186 20.64 17.21 33.67
C TYR B 186 20.60 17.90 35.03
N GLU B 187 21.12 17.25 36.07
CA GLU B 187 21.09 17.84 37.40
C GLU B 187 22.04 19.03 37.51
N ARG B 188 23.11 19.07 36.71
CA ARG B 188 24.05 20.18 36.86
C ARG B 188 23.53 21.48 36.25
N HIS B 189 22.75 21.42 35.17
CA HIS B 189 22.15 22.61 34.62
C HIS B 189 20.70 22.72 35.07
N ASN B 190 20.11 23.91 34.91
CA ASN B 190 18.76 24.14 35.41
C ASN B 190 17.73 24.43 34.32
N SER B 191 17.99 25.38 33.43
CA SER B 191 17.01 25.75 32.42
C SER B 191 17.05 24.77 31.26
N TYR B 192 15.90 24.60 30.59
CA TYR B 192 15.82 23.80 29.36
C TYR B 192 14.88 24.48 28.38
N THR B 193 15.39 24.90 27.22
CA THR B 193 14.61 25.69 26.27
C THR B 193 14.45 24.97 24.94
N CYS B 194 13.22 24.97 24.41
CA CYS B 194 12.87 24.41 23.12
C CYS B 194 12.48 25.56 22.19
N GLU B 195 13.27 25.80 21.14
CA GLU B 195 13.07 26.94 20.25
C GLU B 195 12.59 26.47 18.89
N ALA B 196 11.57 27.12 18.33
CA ALA B 196 11.04 26.78 17.02
C ALA B 196 11.03 28.00 16.12
N THR B 197 11.39 27.79 14.85
CA THR B 197 11.30 28.81 13.83
C THR B 197 10.30 28.37 12.78
N HIS B 198 9.21 29.10 12.65
CA HIS B 198 8.16 28.76 11.70
C HIS B 198 7.76 30.01 10.92
N LYS B 199 7.01 29.79 9.84
CA LYS B 199 6.44 30.91 9.07
C LYS B 199 5.37 31.63 9.85
N THR B 200 4.76 30.97 10.82
CA THR B 200 3.68 31.56 11.59
C THR B 200 4.19 32.52 12.66
N SER B 201 5.50 32.57 12.88
CA SER B 201 6.06 33.45 13.89
C SER B 201 7.21 34.25 13.30
N THR B 202 7.38 35.44 13.87
CA THR B 202 8.36 36.42 13.41
C THR B 202 9.63 36.38 14.24
N SER B 203 9.58 35.78 15.41
CA SER B 203 10.72 35.50 16.27
C SER B 203 10.52 34.09 16.80
N PRO B 204 11.57 33.46 17.32
CA PRO B 204 11.46 32.05 17.73
C PRO B 204 10.36 31.79 18.75
N ILE B 205 9.73 30.64 18.62
CA ILE B 205 8.72 30.17 19.57
C ILE B 205 9.44 29.35 20.63
N VAL B 206 9.53 29.88 21.85
CA VAL B 206 10.27 29.23 22.92
C VAL B 206 9.29 28.65 23.93
N LYS B 207 9.58 27.44 24.40
CA LYS B 207 8.92 26.83 25.55
C LYS B 207 10.02 26.30 26.45
N SER B 208 10.02 26.71 27.71
CA SER B 208 11.14 26.40 28.58
C SER B 208 10.68 25.64 29.81
N PHE B 209 11.55 24.75 30.28
CA PHE B 209 11.37 23.98 31.51
C PHE B 209 12.44 24.42 32.51
N ASN B 210 12.04 25.19 33.52
CA ASN B 210 12.95 25.71 34.54
C ASN B 210 12.92 24.80 35.77
N ARG B 211 13.97 23.99 35.96
CA ARG B 211 14.07 23.14 37.14
C ARG B 211 13.97 23.95 38.42
N ASN B 212 14.77 25.02 38.50
CA ASN B 212 14.74 25.91 39.67
C ASN B 212 13.32 26.35 39.99
N GLU B 213 12.61 26.86 38.98
CA GLU B 213 11.23 27.31 39.15
C GLU B 213 10.25 26.16 39.02
N ASP C 1 -17.24 -11.02 -0.07
CA ASP C 1 -16.31 -10.30 0.79
C ASP C 1 -15.20 -11.21 1.29
N VAL C 2 -13.98 -10.67 1.39
CA VAL C 2 -12.81 -11.40 1.84
C VAL C 2 -12.00 -10.50 2.77
N GLN C 3 -11.51 -11.06 3.86
CA GLN C 3 -10.61 -10.36 4.77
C GLN C 3 -9.26 -11.08 4.81
N LEU C 4 -8.18 -10.32 4.69
CA LEU C 4 -6.84 -10.88 4.54
C LEU C 4 -5.98 -10.48 5.73
N GLN C 5 -5.18 -11.42 6.23
CA GLN C 5 -4.27 -11.14 7.34
C GLN C 5 -2.91 -11.77 7.10
N GLU C 6 -1.86 -10.95 7.08
CA GLU C 6 -0.51 -11.44 7.03
C GLU C 6 0.02 -11.74 8.44
N SER C 7 0.87 -12.76 8.50
CA SER C 7 1.38 -13.24 9.78
C SER C 7 2.80 -13.75 9.56
N GLY C 8 3.69 -13.42 10.48
CA GLY C 8 5.06 -13.85 10.37
C GLY C 8 6.03 -13.09 11.25
N PRO C 9 7.29 -13.49 11.18
CA PRO C 9 8.31 -12.87 12.03
C PRO C 9 8.56 -11.42 11.66
N SER C 10 8.85 -10.61 12.68
CA SER C 10 9.26 -9.23 12.45
C SER C 10 10.76 -9.08 12.35
N LEU C 11 11.51 -10.09 12.78
CA LEU C 11 12.97 -10.10 12.70
C LEU C 11 13.41 -11.45 12.13
N VAL C 12 14.14 -11.41 11.03
CA VAL C 12 14.71 -12.60 10.39
C VAL C 12 16.21 -12.40 10.30
N LYS C 13 16.99 -13.52 10.50
CA LYS C 13 18.44 -13.34 10.47
C LYS C 13 18.96 -13.48 9.04
N PRO C 14 19.98 -12.72 8.67
CA PRO C 14 20.50 -12.81 7.30
C PRO C 14 20.97 -14.21 6.97
N SER C 15 20.85 -14.58 5.70
CA SER C 15 21.21 -15.87 5.13
C SER C 15 20.17 -16.94 5.47
N GLN C 16 19.13 -16.60 6.21
CA GLN C 16 18.11 -17.55 6.63
C GLN C 16 16.88 -17.37 5.74
N THR C 17 15.80 -18.08 6.06
CA THR C 17 14.62 -18.12 5.22
C THR C 17 13.48 -17.37 5.88
N LEU C 18 12.84 -16.51 5.08
CA LEU C 18 11.67 -15.76 5.49
C LEU C 18 10.43 -16.58 5.17
N SER C 19 9.52 -16.67 6.14
CA SER C 19 8.26 -17.39 5.97
C SER C 19 7.14 -16.45 6.35
N LEU C 20 6.13 -16.35 5.50
CA LEU C 20 4.96 -15.55 5.78
C LEU C 20 3.70 -16.36 5.50
N THR C 21 2.60 -15.92 6.09
CA THR C 21 1.32 -16.60 5.96
C THR C 21 0.24 -15.58 5.69
N CYS C 22 -0.55 -15.80 4.65
CA CYS C 22 -1.73 -15.00 4.38
C CYS C 22 -2.95 -15.88 4.68
N SER C 23 -3.65 -15.53 5.75
CA SER C 23 -4.91 -16.15 6.11
C SER C 23 -6.06 -15.40 5.46
N VAL C 24 -6.99 -16.16 4.90
CA VAL C 24 -8.12 -15.63 4.14
C VAL C 24 -9.40 -16.06 4.84
N THR C 25 -10.23 -15.09 5.21
CA THR C 25 -11.56 -15.38 5.72
C THR C 25 -12.60 -14.78 4.80
N GLY C 26 -13.79 -15.38 4.79
CA GLY C 26 -14.90 -14.81 4.04
C GLY C 26 -15.22 -15.59 2.78
N ASP C 27 -14.18 -16.07 2.11
CA ASP C 27 -14.33 -16.79 0.85
C ASP C 27 -13.15 -17.74 0.70
N SER C 28 -13.36 -18.81 -0.05
CA SER C 28 -12.33 -19.80 -0.25
C SER C 28 -11.19 -19.22 -1.09
N ILE C 29 -10.00 -19.80 -0.93
CA ILE C 29 -8.87 -19.42 -1.77
C ILE C 29 -8.96 -20.02 -3.15
N THR C 30 -10.01 -20.80 -3.40
CA THR C 30 -10.31 -21.33 -4.71
C THR C 30 -11.22 -20.40 -5.50
N SER C 31 -11.39 -19.16 -5.03
CA SER C 31 -12.28 -18.20 -5.64
C SER C 31 -11.54 -17.00 -6.24
N ASP C 32 -10.21 -17.08 -6.35
CA ASP C 32 -9.40 -15.96 -6.80
C ASP C 32 -7.99 -16.48 -7.08
N TYR C 33 -7.14 -15.60 -7.61
CA TYR C 33 -5.71 -15.82 -7.72
C TYR C 33 -5.07 -15.02 -6.59
N TRP C 34 -4.03 -15.55 -5.98
CA TRP C 34 -3.47 -14.86 -4.81
C TRP C 34 -2.00 -14.51 -5.01
N SER C 35 -1.61 -13.34 -4.51
CA SER C 35 -0.29 -12.79 -4.80
C SER C 35 0.35 -12.20 -3.55
N TRP C 36 1.66 -11.97 -3.67
CA TRP C 36 2.50 -11.36 -2.65
C TRP C 36 3.22 -10.19 -3.29
N ILE C 37 3.20 -9.04 -2.60
CA ILE C 37 3.83 -7.79 -3.01
C ILE C 37 4.60 -7.26 -1.80
N ARG C 38 5.74 -6.63 -2.02
CA ARG C 38 6.46 -5.98 -0.93
C ARG C 38 6.79 -4.53 -1.27
N LYS C 39 6.84 -3.69 -0.23
CA LYS C 39 7.21 -2.29 -0.33
C LYS C 39 8.48 -2.05 0.47
N PHE C 40 9.55 -1.68 -0.24
CA PHE C 40 10.84 -1.40 0.37
C PHE C 40 10.84 -0.03 1.04
N PRO C 41 11.77 0.20 2.01
CA PRO C 41 11.84 1.48 2.74
C PRO C 41 11.77 2.74 1.88
N GLY C 42 12.16 2.65 0.62
CA GLY C 42 12.19 3.84 -0.21
C GLY C 42 10.86 4.09 -0.90
N ASN C 43 9.81 3.41 -0.42
CA ASN C 43 8.46 3.49 -0.98
C ASN C 43 8.40 2.87 -2.37
N ARG C 44 9.22 1.84 -2.60
CA ARG C 44 9.33 1.18 -3.89
C ARG C 44 8.61 -0.16 -3.79
N LEU C 45 7.56 -0.33 -4.59
CA LEU C 45 6.75 -1.53 -4.54
C LEU C 45 7.25 -2.56 -5.56
N GLU C 46 7.31 -3.81 -5.12
CA GLU C 46 7.72 -4.91 -5.98
C GLU C 46 6.68 -6.01 -5.92
N TYR C 47 6.21 -6.43 -7.08
CA TYR C 47 5.30 -7.57 -7.17
C TYR C 47 6.11 -8.84 -7.05
N MET C 48 5.91 -9.61 -5.98
CA MET C 48 6.78 -10.75 -5.74
C MET C 48 6.32 -11.98 -6.51
N GLY C 49 5.02 -12.27 -6.48
CA GLY C 49 4.56 -13.40 -7.27
C GLY C 49 3.08 -13.64 -7.07
N TYR C 50 2.53 -14.50 -7.92
CA TYR C 50 1.14 -14.91 -7.74
C TYR C 50 0.93 -16.37 -8.11
N VAL C 51 -0.10 -16.95 -7.52
CA VAL C 51 -0.54 -18.31 -7.80
C VAL C 51 -1.96 -18.27 -8.38
N SER C 52 -2.17 -19.08 -9.43
CA SER C 52 -3.36 -19.16 -10.25
C SER C 52 -4.23 -20.36 -9.87
N TYR C 53 -5.29 -20.59 -10.65
CA TYR C 53 -6.25 -21.65 -10.35
C TYR C 53 -5.67 -23.03 -10.60
N SER C 54 -4.85 -23.18 -11.62
CA SER C 54 -4.25 -24.47 -11.94
C SER C 54 -3.11 -24.82 -11.00
N GLY C 55 -2.68 -23.89 -10.17
CA GLY C 55 -1.50 -24.06 -9.35
C GLY C 55 -0.24 -23.55 -10.00
N SER C 56 -0.36 -22.89 -11.15
CA SER C 56 0.79 -22.24 -11.76
C SER C 56 1.23 -21.08 -10.87
N THR C 57 2.52 -21.02 -10.58
CA THR C 57 3.08 -19.98 -9.75
C THR C 57 4.04 -19.14 -10.58
N TYR C 58 3.88 -17.83 -10.51
CA TYR C 58 4.69 -16.88 -11.27
C TYR C 58 5.51 -16.08 -10.28
N TYR C 59 6.82 -16.05 -10.49
CA TYR C 59 7.76 -15.43 -9.58
C TYR C 59 8.54 -14.34 -10.31
N ASN C 60 8.79 -13.24 -9.62
CA ASN C 60 9.64 -12.19 -10.15
C ASN C 60 11.01 -12.74 -10.51
N PRO C 61 11.48 -12.58 -11.75
CA PRO C 61 12.82 -13.07 -12.11
C PRO C 61 13.92 -12.68 -11.14
N SER C 62 13.83 -11.50 -10.52
CA SER C 62 14.87 -11.06 -9.59
C SER C 62 14.96 -11.99 -8.38
N LEU C 63 13.84 -12.54 -7.93
CA LEU C 63 13.84 -13.40 -6.75
C LEU C 63 13.56 -14.86 -7.09
N LYS C 64 13.37 -15.19 -8.37
CA LYS C 64 12.94 -16.53 -8.79
C LYS C 64 13.70 -17.65 -8.06
N SER C 65 15.02 -17.51 -7.93
CA SER C 65 15.81 -18.58 -7.37
C SER C 65 15.62 -18.76 -5.87
N ARG C 66 14.98 -17.81 -5.18
CA ARG C 66 14.87 -17.86 -3.73
C ARG C 66 13.43 -17.82 -3.22
N ILE C 67 12.42 -17.85 -4.09
CA ILE C 67 11.04 -17.64 -3.67
C ILE C 67 10.20 -18.86 -3.99
N SER C 68 9.24 -19.14 -3.10
CA SER C 68 8.26 -20.21 -3.28
C SER C 68 6.94 -19.77 -2.67
N ILE C 69 5.87 -19.80 -3.47
CA ILE C 69 4.51 -19.51 -3.02
C ILE C 69 3.71 -20.80 -2.99
N THR C 70 3.20 -21.16 -1.81
CA THR C 70 2.48 -22.41 -1.60
C THR C 70 1.07 -22.14 -1.10
N ARG C 71 0.21 -23.16 -1.15
CA ARG C 71 -1.18 -23.00 -0.71
C ARG C 71 -1.60 -24.13 0.21
N ASP C 72 -2.59 -23.83 1.05
CA ASP C 72 -3.24 -24.80 1.95
C ASP C 72 -4.74 -24.56 1.87
N THR C 73 -5.42 -25.40 1.10
CA THR C 73 -6.87 -25.37 1.07
C THR C 73 -7.47 -25.84 2.39
N SER C 74 -6.76 -26.70 3.11
CA SER C 74 -7.27 -27.24 4.36
C SER C 74 -7.45 -26.13 5.40
N LYS C 75 -6.60 -25.12 5.37
CA LYS C 75 -6.64 -24.03 6.34
C LYS C 75 -7.05 -22.71 5.71
N ASN C 76 -7.33 -22.67 4.41
CA ASN C 76 -7.68 -21.45 3.70
C ASN C 76 -6.57 -20.41 3.83
N GLN C 77 -5.35 -20.82 3.48
CA GLN C 77 -4.19 -19.96 3.66
C GLN C 77 -3.22 -20.18 2.51
N TYR C 78 -2.38 -19.18 2.28
CA TYR C 78 -1.25 -19.40 1.38
C TYR C 78 0.00 -18.80 1.98
N TYR C 79 1.15 -19.30 1.55
CA TYR C 79 2.39 -19.02 2.26
C TYR C 79 3.45 -18.53 1.29
N LEU C 80 4.39 -17.77 1.87
CA LEU C 80 5.53 -17.19 1.16
C LEU C 80 6.81 -17.70 1.79
N ASP C 81 7.74 -18.16 0.97
CA ASP C 81 9.06 -18.58 1.44
C ASP C 81 10.12 -17.89 0.59
N LEU C 82 10.94 -17.05 1.24
CA LEU C 82 12.04 -16.38 0.57
C LEU C 82 13.34 -16.85 1.19
N ASN C 83 14.19 -17.50 0.41
CA ASN C 83 15.43 -18.03 0.97
C ASN C 83 16.56 -17.02 0.81
N SER C 84 17.68 -17.31 1.47
CA SER C 84 18.90 -16.49 1.41
C SER C 84 18.59 -14.99 1.52
N VAL C 85 17.90 -14.64 2.61
CA VAL C 85 17.50 -13.25 2.80
C VAL C 85 18.70 -12.40 3.21
N THR C 86 18.67 -11.14 2.81
CA THR C 86 19.71 -10.18 3.14
C THR C 86 19.08 -8.93 3.74
N THR C 87 19.92 -7.98 4.14
CA THR C 87 19.42 -6.78 4.79
C THR C 87 18.63 -5.91 3.81
N GLU C 88 18.82 -6.11 2.51
CA GLU C 88 18.08 -5.36 1.51
C GLU C 88 16.67 -5.90 1.30
N ASP C 89 16.37 -7.08 1.85
CA ASP C 89 15.04 -7.67 1.79
C ASP C 89 14.16 -7.23 2.96
N THR C 90 14.63 -6.27 3.76
CA THR C 90 13.80 -5.67 4.79
C THR C 90 12.73 -4.80 4.13
N ALA C 91 11.46 -5.06 4.46
CA ALA C 91 10.38 -4.38 3.76
C ALA C 91 9.04 -4.67 4.46
N THR C 92 8.00 -3.99 4.00
CA THR C 92 6.65 -4.32 4.42
C THR C 92 6.04 -5.26 3.39
N TYR C 93 5.50 -6.37 3.85
CA TYR C 93 4.98 -7.40 2.96
C TYR C 93 3.46 -7.37 3.01
N TYR C 94 2.84 -7.46 1.84
CA TYR C 94 1.39 -7.43 1.70
C TYR C 94 1.01 -8.66 0.89
N CYS C 95 -0.01 -9.36 1.35
CA CYS C 95 -0.69 -10.35 0.54
C CYS C 95 -1.95 -9.73 -0.03
N ALA C 96 -2.32 -10.15 -1.23
CA ALA C 96 -3.46 -9.52 -1.90
C ALA C 96 -3.97 -10.45 -2.98
N ASN C 97 -5.14 -10.15 -3.49
CA ASN C 97 -5.66 -10.95 -4.59
C ASN C 97 -5.18 -10.36 -5.91
N TRP C 98 -5.24 -11.18 -6.96
CA TRP C 98 -4.72 -10.77 -8.26
C TRP C 98 -5.49 -9.57 -8.80
N ASP C 99 -6.77 -9.46 -8.44
CA ASP C 99 -7.57 -8.29 -8.81
C ASP C 99 -7.02 -7.01 -8.18
N GLY C 100 -6.40 -7.11 -7.00
CA GLY C 100 -5.77 -5.94 -6.41
C GLY C 100 -6.72 -5.04 -5.66
N ASP C 101 -7.93 -5.51 -5.36
CA ASP C 101 -8.93 -4.75 -4.63
C ASP C 101 -9.04 -5.17 -3.17
N TYR C 102 -8.56 -6.36 -2.84
CA TYR C 102 -8.52 -6.85 -1.47
C TYR C 102 -7.07 -7.05 -1.07
N TRP C 103 -6.63 -6.29 -0.07
CA TRP C 103 -5.26 -6.27 0.39
C TRP C 103 -5.25 -6.62 1.88
N GLY C 104 -4.10 -7.06 2.37
CA GLY C 104 -3.94 -7.26 3.78
C GLY C 104 -3.44 -5.99 4.44
N GLN C 105 -3.24 -6.07 5.75
CA GLN C 105 -2.86 -4.86 6.46
C GLN C 105 -1.38 -4.55 6.29
N GLY C 106 -0.57 -5.56 6.01
CA GLY C 106 0.86 -5.36 5.92
C GLY C 106 1.54 -5.99 7.12
N THR C 107 2.71 -6.58 6.89
CA THR C 107 3.53 -7.09 7.96
C THR C 107 4.96 -6.61 7.74
N LEU C 108 5.49 -5.87 8.70
CA LEU C 108 6.85 -5.37 8.59
C LEU C 108 7.85 -6.46 8.95
N VAL C 109 8.84 -6.66 8.08
CA VAL C 109 9.90 -7.62 8.32
C VAL C 109 11.24 -6.92 8.22
N THR C 110 11.98 -6.90 9.34
CA THR C 110 13.34 -6.39 9.41
C THR C 110 14.30 -7.57 9.32
N VAL C 111 15.23 -7.52 8.35
CA VAL C 111 16.29 -8.51 8.22
C VAL C 111 17.56 -7.90 8.83
N SER C 112 17.95 -8.39 9.99
CA SER C 112 19.09 -7.86 10.71
C SER C 112 19.71 -8.94 11.59
N ALA C 113 20.98 -8.73 11.93
CA ALA C 113 21.67 -9.57 12.89
C ALA C 113 21.64 -8.95 14.27
N ALA C 114 20.99 -7.80 14.41
CA ALA C 114 20.82 -7.18 15.71
C ALA C 114 19.88 -8.02 16.56
N LYS C 115 19.96 -7.83 17.86
CA LYS C 115 19.22 -8.67 18.79
C LYS C 115 17.94 -7.97 19.24
N THR C 116 16.89 -8.76 19.44
CA THR C 116 15.63 -8.26 19.96
C THR C 116 15.82 -7.56 21.29
N THR C 117 15.17 -6.40 21.45
CA THR C 117 15.28 -5.61 22.67
C THR C 117 13.90 -5.14 23.11
N PRO C 118 13.51 -5.38 24.37
CA PRO C 118 12.22 -4.87 24.83
C PRO C 118 12.27 -3.37 25.00
N PRO C 119 11.13 -2.69 24.91
CA PRO C 119 11.09 -1.24 25.07
C PRO C 119 10.97 -0.78 26.51
N SER C 120 11.54 0.40 26.78
CA SER C 120 11.39 1.09 28.05
C SER C 120 10.35 2.19 27.89
N VAL C 121 9.30 2.18 28.71
CA VAL C 121 8.19 3.12 28.58
C VAL C 121 8.25 4.12 29.72
N TYR C 122 8.24 5.41 29.38
CA TYR C 122 8.29 6.50 30.34
C TYR C 122 7.12 7.45 30.13
N PRO C 123 6.49 7.92 31.20
CA PRO C 123 5.41 8.89 31.08
C PRO C 123 5.93 10.31 30.94
N LEU C 124 5.12 11.14 30.26
CA LEU C 124 5.47 12.54 30.02
C LEU C 124 4.30 13.41 30.43
N ALA C 125 4.42 14.09 31.57
CA ALA C 125 3.40 15.02 32.03
C ALA C 125 4.10 16.29 32.50
N PRO C 126 3.39 17.43 32.48
CA PRO C 126 3.95 18.70 32.98
C PRO C 126 4.15 18.69 34.50
N SER C 134 -6.42 25.97 28.60
CA SER C 134 -7.31 25.58 27.51
C SER C 134 -7.47 24.06 27.46
N MET C 135 -6.50 23.41 26.81
CA MET C 135 -6.43 21.95 26.75
C MET C 135 -5.07 21.53 27.31
N VAL C 136 -4.95 20.25 27.67
CA VAL C 136 -3.70 19.77 28.26
C VAL C 136 -3.16 18.61 27.45
N THR C 137 -1.84 18.60 27.26
CA THR C 137 -1.14 17.61 26.44
C THR C 137 -0.30 16.71 27.33
N LEU C 138 -0.43 15.40 27.14
CA LEU C 138 0.36 14.39 27.83
C LEU C 138 1.10 13.56 26.79
N GLY C 139 2.03 12.71 27.25
CA GLY C 139 2.84 11.98 26.31
C GLY C 139 3.40 10.69 26.89
N CYS C 140 4.11 9.97 26.02
CA CYS C 140 4.59 8.63 26.32
C CYS C 140 5.82 8.37 25.47
N LEU C 141 6.94 8.06 26.11
CA LEU C 141 8.19 7.83 25.40
C LEU C 141 8.50 6.34 25.44
N VAL C 142 8.57 5.70 24.27
CA VAL C 142 8.95 4.30 24.15
C VAL C 142 10.39 4.28 23.65
N LYS C 143 11.35 3.99 24.52
CA LYS C 143 12.76 4.15 24.22
C LYS C 143 13.49 2.82 24.19
N GLY C 144 14.43 2.68 23.25
CA GLY C 144 15.38 1.58 23.26
C GLY C 144 14.81 0.21 22.98
N TYR C 145 14.28 -0.02 21.78
CA TYR C 145 13.69 -1.30 21.44
C TYR C 145 14.15 -1.74 20.05
N PHE C 146 13.97 -3.03 19.78
CA PHE C 146 14.27 -3.67 18.50
C PHE C 146 13.60 -5.03 18.46
N PRO C 147 13.04 -5.45 17.33
CA PRO C 147 12.92 -4.66 16.10
C PRO C 147 11.66 -3.82 16.08
N GLU C 148 11.36 -3.25 14.93
CA GLU C 148 10.09 -2.57 14.78
C GLU C 148 9.08 -3.52 14.16
N PRO C 149 7.78 -3.39 14.49
CA PRO C 149 7.13 -2.26 15.15
C PRO C 149 6.72 -2.45 16.60
N VAL C 150 6.17 -1.36 17.16
CA VAL C 150 5.42 -1.37 18.40
C VAL C 150 4.09 -0.70 18.11
N THR C 151 3.09 -0.98 18.95
CA THR C 151 1.80 -0.32 18.85
C THR C 151 1.52 0.45 20.14
N VAL C 152 1.23 1.74 20.00
CA VAL C 152 0.97 2.62 21.15
C VAL C 152 -0.43 3.21 20.98
N THR C 153 -1.31 2.89 21.94
CA THR C 153 -2.65 3.47 21.99
C THR C 153 -2.86 4.15 23.34
N TRP C 154 -3.94 4.92 23.44
CA TRP C 154 -4.25 5.66 24.65
C TRP C 154 -5.64 5.25 25.15
N ASN C 155 -5.69 4.77 26.39
CA ASN C 155 -6.92 4.24 26.98
C ASN C 155 -7.56 3.21 26.05
N SER C 156 -6.75 2.24 25.62
CA SER C 156 -7.17 1.15 24.75
C SER C 156 -7.81 1.64 23.46
N GLY C 157 -7.42 2.82 22.99
CA GLY C 157 -7.88 3.34 21.72
C GLY C 157 -9.10 4.23 21.81
N SER C 158 -9.70 4.39 22.99
CA SER C 158 -10.85 5.28 23.14
C SER C 158 -10.43 6.71 22.89
N LEU C 159 -9.28 7.13 23.43
CA LEU C 159 -8.72 8.43 23.14
C LEU C 159 -7.84 8.26 21.90
N SER C 160 -8.39 8.57 20.74
CA SER C 160 -7.66 8.42 19.49
C SER C 160 -7.71 9.64 18.59
N SER C 161 -8.70 10.51 18.75
CA SER C 161 -8.79 11.68 17.88
C SER C 161 -7.68 12.68 18.18
N GLY C 162 -7.23 12.75 19.43
CA GLY C 162 -6.20 13.70 19.82
C GLY C 162 -4.86 13.04 20.07
N VAL C 163 -4.55 11.98 19.33
CA VAL C 163 -3.33 11.20 19.50
C VAL C 163 -2.40 11.45 18.32
N HIS C 164 -1.11 11.63 18.61
CA HIS C 164 -0.06 11.75 17.59
C HIS C 164 1.09 10.83 18.00
N THR C 165 1.12 9.62 17.44
CA THR C 165 2.28 8.75 17.63
C THR C 165 3.27 8.98 16.50
N PHE C 166 4.52 9.26 16.86
CA PHE C 166 5.53 9.65 15.88
C PHE C 166 6.32 8.45 15.40
N PRO C 167 6.60 8.39 14.10
CA PRO C 167 7.44 7.31 13.56
C PRO C 167 8.75 7.19 14.33
N ALA C 168 9.21 5.95 14.52
CA ALA C 168 10.38 5.71 15.35
C ALA C 168 11.67 6.03 14.60
N VAL C 169 12.64 6.56 15.33
CA VAL C 169 13.94 6.92 14.78
C VAL C 169 14.98 5.96 15.37
N LEU C 170 15.91 5.52 14.53
CA LEU C 170 16.90 4.53 14.92
C LEU C 170 18.14 5.21 15.47
N GLN C 171 18.71 4.62 16.52
CA GLN C 171 19.96 5.08 17.11
C GLN C 171 20.89 3.86 17.17
N SER C 172 21.63 3.65 16.09
CA SER C 172 22.60 2.57 15.98
C SER C 172 21.90 1.22 15.98
N ASP C 173 21.38 0.82 17.14
CA ASP C 173 20.85 -0.53 17.34
C ASP C 173 19.48 -0.53 17.99
N LEU C 174 18.97 0.63 18.42
CA LEU C 174 17.73 0.73 19.17
C LEU C 174 16.83 1.78 18.54
N TYR C 175 15.53 1.63 18.73
CA TYR C 175 14.53 2.59 18.25
C TYR C 175 13.98 3.38 19.43
N THR C 176 13.73 4.67 19.20
CA THR C 176 13.05 5.52 20.16
C THR C 176 11.84 6.16 19.48
N LEU C 177 10.71 6.16 20.18
CA LEU C 177 9.44 6.63 19.67
C LEU C 177 8.79 7.53 20.71
N SER C 178 8.00 8.49 20.23
CA SER C 178 7.21 9.34 21.12
C SER C 178 5.76 9.29 20.68
N SER C 179 4.86 9.48 21.65
CA SER C 179 3.44 9.61 21.33
C SER C 179 2.84 10.71 22.19
N SER C 180 2.08 11.61 21.57
CA SER C 180 1.38 12.67 22.28
C SER C 180 -0.12 12.41 22.29
N VAL C 181 -0.79 12.89 23.33
CA VAL C 181 -2.24 12.87 23.43
C VAL C 181 -2.71 14.21 23.98
N THR C 182 -3.69 14.81 23.33
CA THR C 182 -4.29 16.05 23.82
C THR C 182 -5.67 15.75 24.37
N VAL C 183 -5.93 16.21 25.60
CA VAL C 183 -7.15 15.88 26.32
C VAL C 183 -7.75 17.17 26.87
N PRO C 184 -9.08 17.25 27.00
CA PRO C 184 -9.70 18.42 27.65
C PRO C 184 -9.10 18.68 29.02
N SER C 185 -9.11 19.96 29.42
CA SER C 185 -8.67 20.35 30.75
C SER C 185 -9.23 19.43 31.82
N SER C 186 -10.57 19.34 31.89
CA SER C 186 -11.29 18.38 32.73
C SER C 186 -10.79 18.29 34.18
N VAL C 193 -5.80 8.72 32.60
CA VAL C 193 -5.31 8.65 31.23
C VAL C 193 -4.12 7.71 31.13
N THR C 194 -4.24 6.66 30.32
CA THR C 194 -3.24 5.60 30.26
C THR C 194 -2.66 5.45 28.86
N CYS C 195 -1.35 5.20 28.81
CA CYS C 195 -0.63 4.87 27.59
C CYS C 195 -0.39 3.37 27.58
N ASN C 196 -0.82 2.69 26.50
CA ASN C 196 -0.71 1.25 26.34
C ASN C 196 0.26 0.97 25.19
N VAL C 197 1.39 0.35 25.51
CA VAL C 197 2.43 0.06 24.53
C VAL C 197 2.59 -1.46 24.44
N ALA C 198 2.68 -1.96 23.21
CA ALA C 198 2.85 -3.38 22.96
C ALA C 198 3.97 -3.61 21.94
N HIS C 199 4.90 -4.48 22.29
CA HIS C 199 5.97 -4.90 21.37
C HIS C 199 5.78 -6.39 21.10
N PRO C 200 5.28 -6.75 19.91
CA PRO C 200 5.03 -8.17 19.62
C PRO C 200 6.29 -9.02 19.56
N ALA C 201 7.41 -8.47 19.09
CA ALA C 201 8.62 -9.27 18.87
C ALA C 201 9.27 -9.71 20.15
N SER C 202 9.00 -9.01 21.26
CA SER C 202 9.44 -9.41 22.58
C SER C 202 8.27 -9.80 23.47
N SER C 203 7.04 -9.73 22.95
CA SER C 203 5.82 -10.05 23.69
C SER C 203 5.73 -9.27 24.99
N THR C 204 5.99 -7.97 24.91
CA THR C 204 5.89 -7.10 26.07
C THR C 204 4.65 -6.22 25.94
N LYS C 205 3.90 -6.11 27.03
CA LYS C 205 2.74 -5.23 27.10
C LYS C 205 2.89 -4.39 28.35
N VAL C 206 3.06 -3.08 28.18
CA VAL C 206 3.26 -2.15 29.29
C VAL C 206 2.15 -1.12 29.28
N ASP C 207 1.60 -0.85 30.45
CA ASP C 207 0.63 0.22 30.63
C ASP C 207 1.19 1.21 31.65
N LYS C 208 1.21 2.49 31.27
CA LYS C 208 1.71 3.53 32.17
C LYS C 208 0.68 4.64 32.25
N LYS C 209 0.47 5.17 33.44
CA LYS C 209 -0.47 6.27 33.62
C LYS C 209 0.32 7.56 33.87
N ILE C 210 -0.39 8.65 34.11
CA ILE C 210 0.23 9.96 34.29
C ILE C 210 0.91 10.09 35.66
OH2 1PE D . -4.03 -7.43 -13.03
C12 1PE D . -2.94 -7.73 -12.18
C22 1PE D . -2.94 -6.84 -10.97
OH3 1PE D . -3.13 -5.50 -11.39
C13 1PE D . -5.51 -5.23 -11.05
C23 1PE D . -4.13 -4.81 -10.65
OH4 1PE D . -5.74 -5.12 -12.45
C14 1PE D . -7.63 -6.55 -12.88
C24 1PE D . -7.12 -5.14 -12.80
OH5 1PE D . -8.82 -6.70 -12.12
C15 1PE D . -9.86 -8.51 -13.24
C25 1PE D . -9.94 -7.06 -12.91
OH6 1PE D . -11.13 -9.11 -13.02
C16 1PE D . -13.28 -8.34 -13.78
C26 1PE D . -11.98 -9.00 -14.16
OH7 1PE D . -13.12 -7.41 -12.72
#